data_4I1T
#
_entry.id   4I1T
#
_cell.length_a   142.962
_cell.length_b   142.962
_cell.length_c   46.835
_cell.angle_alpha   90.000
_cell.angle_beta   90.000
_cell.angle_gamma   120.000
#
_symmetry.space_group_name_H-M   'P 64 2 2'
#
_entity_poly.entity_id   1
_entity_poly.type   'polypeptide(L)'
_entity_poly.pdbx_seq_one_letter_code
;MGSSHHHHHHSSGRENLYFQGMEEYVSEFKDMVRKWVPEWEELSEQKNNVLAQVKDRAITIEGLKLLSMLVEVDSCKKHS
CRHNTRMTVNAILRELKVTCPTLPDVTPDGYCMVGDVLILLEVFVRTSQEAFEKKYNQDFLKLMQLSSDLKRQNITLVPV
IDGRSSYYVEYIPDWVVERLRWLLLKLMDGLRTSGEEVEELEYERLISSLSSLEN
;
_entity_poly.pdbx_strand_id   A
#
# COMPACT_ATOMS: atom_id res chain seq x y z
N MET A 22 -21.07 17.61 -18.40
CA MET A 22 -21.67 16.79 -17.33
C MET A 22 -20.65 15.98 -16.54
N GLU A 23 -20.61 16.20 -15.22
CA GLU A 23 -19.83 15.36 -14.31
C GLU A 23 -18.35 15.32 -14.62
N GLU A 24 -17.70 16.49 -14.63
CA GLU A 24 -16.26 16.51 -14.91
C GLU A 24 -15.40 16.57 -13.68
N TYR A 25 -15.96 16.04 -12.60
CA TYR A 25 -15.20 15.59 -11.45
C TYR A 25 -14.26 14.52 -11.99
N VAL A 26 -14.79 13.73 -12.91
CA VAL A 26 -14.05 12.62 -13.53
C VAL A 26 -12.77 13.08 -14.22
N SER A 27 -12.88 14.13 -15.03
CA SER A 27 -11.71 14.61 -15.79
C SER A 27 -10.77 15.44 -14.95
N GLU A 28 -11.32 16.14 -13.97
CA GLU A 28 -10.43 16.90 -13.12
C GLU A 28 -9.63 15.88 -12.37
N PHE A 29 -10.31 14.83 -11.95
CA PHE A 29 -9.65 13.75 -11.26
C PHE A 29 -8.52 13.11 -12.09
N LYS A 30 -8.83 12.69 -13.32
CA LYS A 30 -7.77 12.21 -14.20
C LYS A 30 -6.69 13.25 -14.38
N ASP A 31 -7.10 14.51 -14.33
CA ASP A 31 -6.17 15.62 -14.49
C ASP A 31 -5.23 15.73 -13.30
N MET A 32 -5.80 15.65 -12.10
CA MET A 32 -5.01 15.70 -10.87
C MET A 32 -4.02 14.55 -10.82
N VAL A 33 -4.51 13.36 -11.15
CA VAL A 33 -3.70 12.15 -11.12
C VAL A 33 -2.48 12.30 -12.01
N ARG A 34 -2.72 12.64 -13.28
CA ARG A 34 -1.66 12.82 -14.28
C ARG A 34 -0.62 13.83 -13.75
N LYS A 35 -1.09 14.87 -13.06
CA LYS A 35 -0.19 15.89 -12.57
C LYS A 35 0.64 15.49 -11.36
N TRP A 36 -0.02 15.02 -10.31
CA TRP A 36 0.61 14.86 -9.00
C TRP A 36 1.24 13.49 -8.68
N VAL A 37 0.82 12.45 -9.39
CA VAL A 37 1.36 11.12 -9.12
C VAL A 37 2.65 10.95 -9.90
N PRO A 38 3.79 10.83 -9.19
CA PRO A 38 5.09 10.75 -9.85
C PRO A 38 5.24 9.63 -10.87
N GLU A 39 6.22 9.79 -11.77
CA GLU A 39 6.44 8.88 -12.86
C GLU A 39 7.29 7.71 -12.38
N TRP A 40 7.24 7.47 -11.08
CA TRP A 40 7.93 6.36 -10.44
C TRP A 40 7.43 5.03 -10.98
N GLU A 41 8.32 4.04 -11.00
CA GLU A 41 8.05 2.73 -11.56
C GLU A 41 7.03 1.98 -10.70
N GLU A 42 7.14 2.17 -9.40
CA GLU A 42 6.31 1.44 -8.46
C GLU A 42 4.86 1.86 -8.68
N LEU A 43 4.68 3.05 -9.21
CA LEU A 43 3.35 3.62 -9.36
C LEU A 43 2.88 3.71 -10.78
N SER A 44 3.78 3.47 -11.73
CA SER A 44 3.42 3.63 -13.15
C SER A 44 2.25 2.73 -13.48
N GLU A 45 2.33 1.50 -12.99
CA GLU A 45 1.32 0.51 -13.29
C GLU A 45 -0.07 1.01 -12.98
N GLN A 46 -0.31 1.29 -11.70
CA GLN A 46 -1.62 1.68 -11.23
C GLN A 46 -2.03 3.06 -11.75
N LYS A 47 -1.05 3.89 -12.12
CA LYS A 47 -1.33 5.19 -12.70
C LYS A 47 -1.84 5.04 -14.13
N ASN A 48 -1.21 4.15 -14.89
CA ASN A 48 -1.70 3.85 -16.23
C ASN A 48 -3.06 3.18 -16.17
N ASN A 49 -3.35 2.49 -15.09
CA ASN A 49 -4.68 1.93 -14.91
C ASN A 49 -5.70 3.03 -14.88
N VAL A 50 -5.59 3.87 -13.85
CA VAL A 50 -6.48 5.01 -13.68
C VAL A 50 -6.66 5.82 -14.96
N LEU A 51 -5.56 6.27 -15.55
CA LEU A 51 -5.63 7.15 -16.73
C LEU A 51 -6.14 6.47 -17.99
N ALA A 52 -6.34 5.15 -17.92
CA ALA A 52 -6.85 4.39 -19.06
C ALA A 52 -8.36 4.25 -18.95
N GLN A 53 -8.83 4.18 -17.71
CA GLN A 53 -10.25 4.05 -17.46
C GLN A 53 -11.02 5.16 -18.15
N VAL A 54 -12.24 4.85 -18.55
CA VAL A 54 -13.10 5.84 -19.17
C VAL A 54 -14.49 5.87 -18.51
N LYS A 55 -14.95 4.70 -18.05
CA LYS A 55 -16.26 4.62 -17.41
C LYS A 55 -16.19 5.19 -16.00
N ASP A 56 -17.31 5.69 -15.52
CA ASP A 56 -17.36 6.43 -14.27
C ASP A 56 -17.07 5.50 -13.12
N ARG A 57 -17.90 4.48 -12.98
CA ARG A 57 -17.68 3.42 -12.01
C ARG A 57 -16.24 2.89 -12.00
N ALA A 58 -15.75 2.50 -13.18
CA ALA A 58 -14.39 1.99 -13.37
C ALA A 58 -13.30 2.92 -12.82
N ILE A 59 -13.27 4.15 -13.33
CA ILE A 59 -12.32 5.17 -12.89
C ILE A 59 -12.33 5.30 -11.37
N THR A 60 -13.51 5.23 -10.77
CA THR A 60 -13.68 5.36 -9.32
C THR A 60 -13.01 4.22 -8.56
N ILE A 61 -13.04 3.03 -9.15
CA ILE A 61 -12.44 1.84 -8.55
C ILE A 61 -10.92 1.90 -8.57
N GLU A 62 -10.35 2.09 -9.74
CA GLU A 62 -8.92 2.31 -9.86
C GLU A 62 -8.48 3.45 -8.95
N GLY A 63 -9.35 4.46 -8.81
CA GLY A 63 -9.08 5.59 -7.94
C GLY A 63 -8.77 5.16 -6.51
N LEU A 64 -9.63 4.32 -5.96
CA LEU A 64 -9.44 3.79 -4.61
C LEU A 64 -8.19 2.92 -4.51
N LYS A 65 -8.02 2.05 -5.49
CA LYS A 65 -6.83 1.23 -5.57
C LYS A 65 -5.56 2.10 -5.52
N LEU A 66 -5.59 3.27 -6.18
CA LEU A 66 -4.44 4.19 -6.22
C LEU A 66 -4.20 4.93 -4.90
N LEU A 67 -5.24 5.60 -4.40
CA LEU A 67 -5.19 6.22 -3.09
C LEU A 67 -4.44 5.32 -2.08
N SER A 68 -4.83 4.05 -2.01
CA SER A 68 -4.17 3.04 -1.18
C SER A 68 -2.72 2.77 -1.58
N MET A 69 -2.48 2.61 -2.87
CA MET A 69 -1.12 2.42 -3.38
C MET A 69 -0.23 3.60 -3.04
N LEU A 70 -0.77 4.80 -3.17
CA LEU A 70 0.01 5.97 -2.85
C LEU A 70 0.47 5.92 -1.40
N VAL A 71 -0.44 5.59 -0.49
CA VAL A 71 -0.07 5.55 0.92
C VAL A 71 0.88 4.39 1.22
N GLU A 72 0.82 3.35 0.39
CA GLU A 72 1.67 2.19 0.60
C GLU A 72 3.07 2.51 0.14
N VAL A 73 3.17 3.17 -1.00
CA VAL A 73 4.46 3.52 -1.55
C VAL A 73 5.13 4.63 -0.76
N ASP A 74 4.32 5.46 -0.12
CA ASP A 74 4.80 6.42 0.85
C ASP A 74 5.56 5.69 1.96
N SER A 75 4.87 4.79 2.66
CA SER A 75 5.46 4.00 3.72
C SER A 75 6.74 3.32 3.29
N CYS A 76 6.72 2.77 2.08
CA CYS A 76 7.88 2.03 1.59
C CYS A 76 9.08 2.95 1.59
N LYS A 77 8.94 4.09 0.92
CA LYS A 77 9.99 5.10 0.90
C LYS A 77 10.44 5.52 2.29
N LYS A 78 9.50 5.88 3.15
CA LYS A 78 9.81 6.28 4.51
C LYS A 78 10.64 5.26 5.25
N HIS A 79 10.34 3.99 4.99
CA HIS A 79 11.02 2.91 5.69
C HIS A 79 11.97 2.22 4.75
N SER A 80 12.21 2.80 3.60
CA SER A 80 13.29 2.32 2.76
C SER A 80 13.05 0.88 2.38
N CYS A 81 11.78 0.54 2.14
CA CYS A 81 11.36 -0.82 1.81
C CYS A 81 10.96 -0.94 0.35
N ARG A 82 11.25 -2.09 -0.25
CA ARG A 82 10.72 -2.43 -1.57
C ARG A 82 9.20 -2.57 -1.49
N HIS A 83 8.50 -2.02 -2.47
CA HIS A 83 7.07 -2.20 -2.53
C HIS A 83 6.69 -3.58 -3.08
N ASN A 84 5.65 -4.14 -2.51
CA ASN A 84 5.13 -5.42 -2.94
C ASN A 84 3.67 -5.29 -3.37
N THR A 85 3.32 -5.91 -4.48
CA THR A 85 1.96 -5.81 -4.95
C THR A 85 1.26 -7.16 -5.00
N ARG A 86 2.03 -8.21 -5.26
CA ARG A 86 1.41 -9.50 -5.53
C ARG A 86 2.24 -10.69 -5.10
N MET A 87 3.12 -10.50 -4.13
CA MET A 87 3.93 -11.62 -3.66
C MET A 87 3.61 -12.04 -2.24
N THR A 88 3.70 -13.34 -2.02
CA THR A 88 3.61 -13.90 -0.68
C THR A 88 5.00 -13.80 -0.12
N VAL A 89 5.12 -13.98 1.18
CA VAL A 89 6.42 -13.94 1.81
C VAL A 89 7.31 -15.08 1.28
N ASN A 90 6.70 -16.23 1.02
CA ASN A 90 7.41 -17.35 0.45
C ASN A 90 8.02 -17.00 -0.88
N ALA A 91 7.21 -16.36 -1.71
CA ALA A 91 7.64 -15.90 -3.04
C ALA A 91 8.74 -14.88 -2.88
N ILE A 92 8.55 -13.96 -1.95
CA ILE A 92 9.53 -12.93 -1.67
C ILE A 92 10.89 -13.53 -1.30
N LEU A 93 10.89 -14.49 -0.37
CA LEU A 93 12.15 -15.07 0.12
C LEU A 93 12.87 -15.89 -0.93
N ARG A 94 12.15 -16.36 -1.94
CA ARG A 94 12.76 -17.08 -3.03
C ARG A 94 13.49 -16.04 -3.87
N GLU A 95 12.87 -14.87 -3.98
CA GLU A 95 13.49 -13.73 -4.62
C GLU A 95 14.78 -13.41 -3.89
N LEU A 96 14.70 -13.36 -2.56
CA LEU A 96 15.84 -12.98 -1.72
C LEU A 96 16.88 -14.08 -1.57
N LYS A 97 16.67 -15.20 -2.26
CA LYS A 97 17.56 -16.36 -2.15
C LYS A 97 17.60 -16.98 -0.74
N VAL A 98 16.56 -16.71 0.05
CA VAL A 98 16.44 -17.25 1.41
C VAL A 98 15.86 -18.68 1.40
N THR A 99 16.49 -19.60 2.11
CA THR A 99 15.92 -20.92 2.24
C THR A 99 14.95 -20.88 3.39
N CYS A 100 13.74 -21.37 3.17
CA CYS A 100 12.74 -21.44 4.23
C CYS A 100 11.67 -22.46 3.89
N PRO A 101 11.16 -23.15 4.92
CA PRO A 101 9.98 -24.00 4.72
C PRO A 101 8.78 -23.13 4.39
N THR A 102 7.68 -23.76 4.02
CA THR A 102 6.51 -23.00 3.66
C THR A 102 5.80 -22.35 4.84
N LEU A 103 5.73 -21.03 4.74
CA LEU A 103 4.98 -20.22 5.68
C LEU A 103 3.61 -19.91 5.11
N PRO A 104 2.75 -19.28 5.92
CA PRO A 104 1.44 -18.87 5.41
C PRO A 104 1.60 -17.78 4.37
N ASP A 105 0.63 -17.63 3.50
CA ASP A 105 0.80 -16.75 2.36
C ASP A 105 0.43 -15.30 2.70
N VAL A 106 1.05 -14.77 3.76
CA VAL A 106 0.95 -13.35 4.09
C VAL A 106 1.41 -12.54 2.89
N THR A 107 0.74 -11.41 2.67
CA THR A 107 0.95 -10.54 1.52
C THR A 107 1.30 -9.15 2.01
N PRO A 108 2.58 -8.96 2.37
CA PRO A 108 3.02 -7.71 2.99
C PRO A 108 3.05 -6.58 1.96
N ASP A 109 3.02 -5.35 2.46
CA ASP A 109 2.91 -4.18 1.60
C ASP A 109 4.29 -3.70 1.12
N GLY A 110 5.32 -4.04 1.89
CA GLY A 110 6.68 -3.68 1.55
C GLY A 110 7.62 -4.51 2.38
N TYR A 111 8.87 -4.59 1.97
CA TYR A 111 9.82 -5.46 2.66
C TYR A 111 11.24 -5.05 2.33
N CYS A 112 12.17 -5.50 3.16
CA CYS A 112 13.58 -5.15 2.98
C CYS A 112 14.42 -6.07 3.82
N MET A 113 15.49 -6.56 3.22
CA MET A 113 16.33 -7.53 3.89
C MET A 113 17.71 -6.95 4.06
N VAL A 114 18.06 -6.69 5.32
CA VAL A 114 19.35 -6.10 5.68
C VAL A 114 20.11 -7.09 6.56
N GLY A 115 21.06 -7.80 5.96
CA GLY A 115 21.72 -8.88 6.63
C GLY A 115 20.68 -9.95 6.95
N ASP A 116 20.67 -10.41 8.19
CA ASP A 116 19.75 -11.45 8.61
C ASP A 116 18.41 -10.89 9.08
N VAL A 117 18.22 -9.59 8.87
CA VAL A 117 17.00 -8.93 9.32
C VAL A 117 16.02 -8.68 8.18
N LEU A 118 14.82 -9.20 8.35
CA LEU A 118 13.77 -8.96 7.40
C LEU A 118 12.72 -8.05 7.99
N ILE A 119 12.44 -6.99 7.26
CA ILE A 119 11.41 -6.09 7.63
C ILE A 119 10.23 -6.30 6.73
N LEU A 120 9.11 -6.66 7.32
CA LEU A 120 7.85 -6.68 6.60
C LEU A 120 7.04 -5.46 7.00
N LEU A 121 6.53 -4.73 6.00
CA LEU A 121 5.81 -3.52 6.27
C LEU A 121 4.38 -3.69 5.82
N GLU A 122 3.45 -3.46 6.72
CA GLU A 122 2.05 -3.47 6.39
C GLU A 122 1.52 -2.05 6.57
N VAL A 123 0.61 -1.63 5.70
CA VAL A 123 0.02 -0.29 5.77
C VAL A 123 -1.50 -0.34 5.64
N PHE A 124 -2.18 0.46 6.45
CA PHE A 124 -3.60 0.64 6.34
C PHE A 124 -3.96 2.07 6.70
N VAL A 125 -5.09 2.53 6.19
CA VAL A 125 -5.67 3.77 6.66
C VAL A 125 -7.03 3.44 7.29
N ARG A 126 -7.22 3.83 8.54
CA ARG A 126 -8.49 3.60 9.24
C ARG A 126 -8.88 4.86 10.05
N THR A 127 -10.11 5.34 9.86
CA THR A 127 -10.56 6.58 10.51
C THR A 127 -11.41 6.31 11.75
N SER A 128 -12.03 5.13 11.80
CA SER A 128 -12.72 4.69 13.00
C SER A 128 -11.68 4.30 14.05
N GLN A 129 -11.46 5.16 15.03
CA GLN A 129 -10.47 4.92 16.10
C GLN A 129 -10.42 3.46 16.51
N GLU A 130 -11.59 2.81 16.47
CA GLU A 130 -11.70 1.43 16.90
C GLU A 130 -11.43 0.46 15.75
N ALA A 131 -12.13 0.61 14.63
CA ALA A 131 -11.86 -0.21 13.45
C ALA A 131 -10.39 -0.13 13.09
N PHE A 132 -9.73 0.89 13.64
CA PHE A 132 -8.32 1.14 13.41
C PHE A 132 -7.44 0.25 14.28
N GLU A 133 -7.47 0.49 15.59
CA GLU A 133 -6.57 -0.25 16.46
C GLU A 133 -6.83 -1.73 16.28
N LYS A 134 -8.08 -2.07 16.03
CA LYS A 134 -8.43 -3.44 15.68
C LYS A 134 -7.52 -3.86 14.55
N LYS A 135 -7.61 -3.11 13.45
CA LYS A 135 -6.84 -3.37 12.26
C LYS A 135 -5.35 -3.37 12.55
N TYR A 136 -4.93 -2.65 13.57
CA TYR A 136 -3.51 -2.61 13.88
C TYR A 136 -3.07 -4.00 14.26
N ASN A 137 -3.76 -4.58 15.24
CA ASN A 137 -3.41 -5.89 15.75
C ASN A 137 -3.55 -7.01 14.75
N GLN A 138 -4.66 -7.02 14.04
CA GLN A 138 -4.82 -8.01 13.01
C GLN A 138 -3.57 -8.05 12.17
N ASP A 139 -3.00 -6.87 11.93
CA ASP A 139 -1.84 -6.76 11.04
C ASP A 139 -0.54 -7.13 11.73
N PHE A 140 -0.40 -6.72 12.97
CA PHE A 140 0.78 -7.08 13.71
C PHE A 140 0.79 -8.59 13.93
N LEU A 141 -0.40 -9.14 14.17
CA LEU A 141 -0.52 -10.58 14.37
C LEU A 141 -0.24 -11.36 13.08
N LYS A 142 -0.85 -10.95 11.96
CA LYS A 142 -0.60 -11.66 10.70
C LYS A 142 0.91 -11.79 10.47
N LEU A 143 1.67 -10.79 10.91
CA LEU A 143 3.12 -10.78 10.69
C LEU A 143 3.89 -11.60 11.72
N MET A 144 3.71 -11.32 13.01
CA MET A 144 4.48 -12.02 14.04
C MET A 144 4.36 -13.54 13.97
N GLN A 145 3.25 -14.03 13.45
CA GLN A 145 3.04 -15.47 13.35
C GLN A 145 4.14 -16.13 12.54
N LEU A 146 4.85 -15.32 11.76
CA LEU A 146 5.92 -15.79 10.92
C LEU A 146 7.24 -15.76 11.66
N SER A 147 7.25 -14.97 12.73
CA SER A 147 8.49 -14.70 13.45
C SER A 147 9.36 -15.91 13.70
N SER A 148 8.76 -16.93 14.33
CA SER A 148 9.53 -18.01 14.94
C SER A 148 10.13 -19.02 13.96
N ASP A 149 9.45 -19.16 12.83
CA ASP A 149 9.85 -20.06 11.77
C ASP A 149 10.97 -19.46 10.98
N LEU A 150 10.87 -18.14 10.77
CA LEU A 150 11.95 -17.32 10.23
C LEU A 150 13.19 -17.37 11.09
N LYS A 151 13.02 -17.21 12.41
CA LYS A 151 14.14 -17.27 13.35
C LYS A 151 14.86 -18.60 13.34
N ARG A 152 14.11 -19.69 13.17
CA ARG A 152 14.70 -21.03 13.05
C ARG A 152 15.60 -21.09 11.84
N GLN A 153 15.27 -20.30 10.84
CA GLN A 153 16.03 -20.18 9.60
C GLN A 153 17.01 -19.00 9.64
N ASN A 154 17.22 -18.42 10.82
CA ASN A 154 18.22 -17.39 10.99
C ASN A 154 17.85 -16.10 10.29
N ILE A 155 16.58 -15.77 10.42
CA ILE A 155 16.05 -14.51 9.97
C ILE A 155 15.27 -13.83 11.08
N THR A 156 15.80 -12.69 11.55
CA THR A 156 15.13 -11.84 12.52
C THR A 156 14.04 -11.01 11.85
N LEU A 157 12.80 -11.28 12.20
CA LEU A 157 11.68 -10.57 11.63
C LEU A 157 11.42 -9.33 12.45
N VAL A 158 11.61 -8.19 11.80
CA VAL A 158 11.17 -6.92 12.37
C VAL A 158 9.89 -6.53 11.66
N PRO A 159 8.79 -6.48 12.40
CA PRO A 159 7.51 -6.15 11.76
C PRO A 159 7.21 -4.69 11.97
N VAL A 160 6.77 -4.05 10.89
CA VAL A 160 6.39 -2.65 10.96
C VAL A 160 4.99 -2.49 10.40
N ILE A 161 4.13 -1.94 11.23
CA ILE A 161 2.75 -1.65 10.86
C ILE A 161 2.64 -0.12 10.83
N ASP A 162 2.08 0.40 9.74
CA ASP A 162 1.89 1.83 9.60
C ASP A 162 0.41 2.18 9.56
N GLY A 163 -0.16 2.34 10.75
CA GLY A 163 -1.53 2.78 10.86
C GLY A 163 -1.62 4.25 10.56
N ARG A 164 -2.50 4.58 9.62
CA ARG A 164 -2.72 5.97 9.27
C ARG A 164 -4.20 6.32 9.38
N SER A 165 -4.50 7.50 9.91
CA SER A 165 -5.88 7.96 10.10
C SER A 165 -6.39 8.77 8.92
N SER A 166 -5.49 9.11 8.00
CA SER A 166 -5.89 9.69 6.73
C SER A 166 -4.98 9.20 5.61
N TYR A 167 -5.10 9.79 4.43
CA TYR A 167 -4.37 9.30 3.28
C TYR A 167 -3.20 10.19 2.87
N TYR A 168 -2.77 11.08 3.75
CA TYR A 168 -1.72 12.01 3.35
C TYR A 168 -0.43 11.29 3.01
N VAL A 169 0.35 11.90 2.11
CA VAL A 169 1.66 11.40 1.76
C VAL A 169 2.63 12.57 1.66
N GLU A 170 3.92 12.27 1.82
CA GLU A 170 4.99 13.27 1.75
C GLU A 170 4.95 14.03 0.41
N TYR A 171 5.07 13.26 -0.66
CA TYR A 171 5.23 13.78 -2.01
C TYR A 171 3.99 14.35 -2.65
N ILE A 172 2.92 14.55 -1.89
CA ILE A 172 1.73 15.21 -2.43
C ILE A 172 1.11 16.12 -1.36
N PRO A 173 0.77 17.36 -1.77
CA PRO A 173 0.23 18.33 -0.82
C PRO A 173 -1.06 17.80 -0.22
N ASP A 174 -1.16 17.90 1.09
CA ASP A 174 -2.30 17.36 1.80
C ASP A 174 -3.61 17.98 1.31
N TRP A 175 -3.60 19.27 1.00
CA TRP A 175 -4.80 19.93 0.46
C TRP A 175 -5.30 19.24 -0.83
N VAL A 176 -4.39 18.54 -1.50
CA VAL A 176 -4.66 17.92 -2.80
C VAL A 176 -5.22 16.51 -2.60
N VAL A 177 -4.62 15.78 -1.66
CA VAL A 177 -5.15 14.50 -1.23
C VAL A 177 -6.63 14.61 -0.87
N GLU A 178 -6.97 15.60 -0.04
CA GLU A 178 -8.33 15.73 0.48
C GLU A 178 -9.32 16.04 -0.65
N ARG A 179 -8.83 16.77 -1.65
CA ARG A 179 -9.63 17.09 -2.83
C ARG A 179 -9.81 15.83 -3.65
N LEU A 180 -8.70 15.15 -3.91
CA LEU A 180 -8.69 13.86 -4.58
C LEU A 180 -9.72 12.90 -3.98
N ARG A 181 -9.62 12.59 -2.69
CA ARG A 181 -10.62 11.70 -2.07
C ARG A 181 -12.04 12.29 -2.12
N TRP A 182 -12.18 13.56 -1.75
CA TRP A 182 -13.44 14.28 -1.85
C TRP A 182 -14.03 14.12 -3.23
N LEU A 183 -13.18 14.21 -4.24
CA LEU A 183 -13.59 13.96 -5.61
C LEU A 183 -14.29 12.58 -5.77
N LEU A 184 -13.71 11.53 -5.18
CA LEU A 184 -14.28 10.17 -5.33
C LEU A 184 -15.65 10.01 -4.74
N LEU A 185 -15.87 10.67 -3.60
CA LEU A 185 -17.17 10.60 -2.97
C LEU A 185 -18.22 11.24 -3.88
N LYS A 186 -17.86 12.36 -4.50
CA LYS A 186 -18.76 12.99 -5.47
C LYS A 186 -19.13 11.98 -6.53
N LEU A 187 -18.12 11.27 -7.02
CA LEU A 187 -18.31 10.28 -8.07
C LEU A 187 -19.16 9.08 -7.61
N MET A 188 -19.01 8.68 -6.36
CA MET A 188 -19.70 7.49 -5.83
C MET A 188 -21.21 7.65 -5.71
N ASP A 189 -21.66 8.81 -5.27
CA ASP A 189 -23.09 9.06 -5.13
C ASP A 189 -23.90 8.32 -6.21
N GLY A 190 -25.01 7.71 -5.81
CA GLY A 190 -25.82 6.91 -6.73
C GLY A 190 -25.85 5.46 -6.33
#